data_9F8B
#
_entry.id   9F8B
#
_cell.length_a   90.180
_cell.length_b   127.464
_cell.length_c   62.575
_cell.angle_alpha   90.00
_cell.angle_beta   90.00
_cell.angle_gamma   90.00
#
_symmetry.space_group_name_H-M   'C 2 2 21'
#
loop_
_entity.id
_entity.type
_entity.pdbx_description
1 polymer 'Monoglyceride lipase'
2 non-polymer 'SODIUM ION'
3 non-polymer (4~{a}~{R},8~{a}~{S})-6-[4-[[4-(trifluoromethyl)phenyl]methyl]piperidin-1-yl]carbonyl-4,4~{a},5,7,8,8~{a}-hexahydropyrido[4,3-b][1,4]oxazin-3-one
4 non-polymer 1,2-ETHANEDIOL
5 water water
#
_entity_poly.entity_id   1
_entity_poly.type   'polypeptide(L)'
_entity_poly.pdbx_seq_one_letter_code
;MGSSHHHHHHSSGENLYFQGMPEESSPRRTPQSIPYQDLPHLVNADGQYLFCRYWAPTGTPKALIFVSHGAGEHSGRYEE
LARMLMGLDLLVFAHDHVGHGQSEGERMVVSDFHVFVRDVLQHVDSMQKDYPGLPVFLLGHSMGGAIAILTAAERPGHFA
GMVLISPLVLANPESATTFKVLAAKVLNSVLPNLSSGPIDSSVLSRNKTEVDIYNSDPLICRAGLKVCFGIQLLNAVSRV
ERALPKLTVPFLLLQGSADRLCDSKGAYLLMELAKSQDKTLKIYEGAYHVLHKELPEVTNSVFHEINMWVSQRTATAGTA
SPP
;
_entity_poly.pdbx_strand_id   A
#
loop_
_chem_comp.id
_chem_comp.type
_chem_comp.name
_chem_comp.formula
A1IA3 non-polymer (4~{a}~{R},8~{a}~{S})-6-[4-[[4-(trifluoromethyl)phenyl]methyl]piperidin-1-yl]carbonyl-4,4~{a},5,7,8,8~{a}-hexahydropyrido[4,3-b][1,4]oxazin-3-one 'C21 H26 F3 N3 O3'
EDO non-polymer 1,2-ETHANEDIOL 'C2 H6 O2'
NA non-polymer 'SODIUM ION' 'Na 1'
#
# COMPACT_ATOMS: atom_id res chain seq x y z
N MET A 21 10.64 -44.40 -6.31
CA MET A 21 10.55 -43.39 -5.24
C MET A 21 10.10 -42.03 -5.81
N PRO A 22 9.00 -41.43 -5.27
CA PRO A 22 8.58 -40.10 -5.74
C PRO A 22 9.59 -39.04 -5.27
N GLU A 23 9.72 -37.97 -6.04
CA GLU A 23 10.70 -36.93 -5.73
C GLU A 23 10.03 -35.61 -5.55
N GLU A 24 10.60 -34.75 -4.69
CA GLU A 24 10.05 -33.42 -4.49
C GLU A 24 10.29 -32.57 -5.73
N SER A 25 9.23 -31.84 -6.16
CA SER A 25 9.29 -30.96 -7.33
C SER A 25 10.29 -29.82 -7.09
N SER A 26 10.80 -29.21 -8.19
CA SER A 26 11.76 -28.11 -8.20
C SER A 26 11.33 -26.99 -7.24
N PRO A 27 12.27 -26.38 -6.46
CA PRO A 27 11.87 -25.32 -5.52
C PRO A 27 11.03 -24.23 -6.16
N ARG A 28 9.98 -23.78 -5.45
CA ARG A 28 9.14 -22.70 -5.94
C ARG A 28 9.97 -21.42 -5.99
N ARG A 29 9.83 -20.66 -7.10
CA ARG A 29 10.63 -19.44 -7.33
C ARG A 29 9.80 -18.22 -7.50
N THR A 30 10.41 -17.06 -7.22
CA THR A 30 9.74 -15.78 -7.44
C THR A 30 9.60 -15.57 -8.96
N PRO A 31 8.85 -14.54 -9.42
CA PRO A 31 8.79 -14.29 -10.88
C PRO A 31 10.15 -13.90 -11.44
N GLN A 32 11.12 -13.55 -10.56
CA GLN A 32 12.51 -13.21 -10.95
C GLN A 32 13.44 -14.42 -10.81
N SER A 33 12.84 -15.65 -10.63
CA SER A 33 13.49 -16.97 -10.55
CA SER A 33 13.54 -16.94 -10.59
C SER A 33 14.39 -17.17 -9.32
N ILE A 34 14.08 -16.49 -8.20
CA ILE A 34 14.84 -16.75 -6.97
C ILE A 34 14.02 -17.76 -6.15
N PRO A 35 14.62 -18.86 -5.62
CA PRO A 35 13.81 -19.79 -4.81
C PRO A 35 13.23 -19.09 -3.57
N TYR A 36 11.94 -19.30 -3.29
CA TYR A 36 11.35 -18.74 -2.08
C TYR A 36 12.05 -19.28 -0.82
N GLN A 37 12.64 -20.50 -0.90
CA GLN A 37 13.34 -21.04 0.28
C GLN A 37 14.53 -20.17 0.71
N ASP A 38 14.99 -19.28 -0.19
CA ASP A 38 16.14 -18.40 0.08
C ASP A 38 15.70 -17.03 0.54
N LEU A 39 14.39 -16.81 0.69
CA LEU A 39 13.88 -15.49 1.03
C LEU A 39 12.85 -15.53 2.14
N PRO A 40 12.68 -14.45 2.93
CA PRO A 40 11.55 -14.43 3.88
C PRO A 40 10.26 -14.47 3.06
N HIS A 41 9.32 -15.30 3.47
CA HIS A 41 8.08 -15.42 2.70
C HIS A 41 6.94 -15.89 3.59
N LEU A 42 5.76 -15.88 3.00
CA LEU A 42 4.50 -16.29 3.60
CA LEU A 42 4.55 -16.43 3.61
C LEU A 42 3.65 -16.97 2.51
N VAL A 43 2.84 -17.98 2.84
CA VAL A 43 1.96 -18.53 1.81
C VAL A 43 0.56 -18.06 2.16
N ASN A 44 -0.11 -17.43 1.20
CA ASN A 44 -1.41 -16.86 1.51
C ASN A 44 -2.51 -17.95 1.40
N ALA A 45 -3.77 -17.55 1.66
CA ALA A 45 -4.91 -18.50 1.66
C ALA A 45 -5.20 -19.14 0.32
N ASP A 46 -4.69 -18.56 -0.78
CA ASP A 46 -4.85 -19.07 -2.13
C ASP A 46 -3.64 -19.92 -2.55
N GLY A 47 -2.73 -20.18 -1.61
CA GLY A 47 -1.53 -20.98 -1.88
C GLY A 47 -0.44 -20.24 -2.62
N GLN A 48 -0.50 -18.91 -2.62
CA GLN A 48 0.46 -18.08 -3.33
C GLN A 48 1.51 -17.59 -2.37
N TYR A 49 2.78 -17.64 -2.82
CA TYR A 49 3.87 -17.14 -2.00
C TYR A 49 3.98 -15.66 -2.08
N LEU A 50 4.04 -15.03 -0.91
CA LEU A 50 4.30 -13.60 -0.81
C LEU A 50 5.69 -13.36 -0.28
N PHE A 51 6.45 -12.51 -0.96
CA PHE A 51 7.79 -12.14 -0.50
C PHE A 51 7.63 -11.17 0.69
N CYS A 52 8.39 -11.42 1.77
CA CYS A 52 8.34 -10.60 2.98
C CYS A 52 9.61 -9.82 3.26
N ARG A 53 9.45 -8.73 4.03
CA ARG A 53 10.58 -7.93 4.49
C ARG A 53 10.36 -7.56 5.94
N TYR A 54 11.47 -7.55 6.72
CA TYR A 54 11.47 -7.23 8.14
C TYR A 54 12.62 -6.30 8.47
N TRP A 55 12.34 -5.32 9.36
CA TRP A 55 13.35 -4.42 9.90
C TRP A 55 13.08 -4.38 11.41
N ALA A 56 13.83 -5.19 12.16
CA ALA A 56 13.64 -5.33 13.59
C ALA A 56 14.71 -4.58 14.38
N PRO A 57 14.34 -3.88 15.49
CA PRO A 57 15.37 -3.23 16.32
C PRO A 57 16.15 -4.26 17.14
N THR A 58 17.29 -3.85 17.73
CA THR A 58 18.13 -4.74 18.55
C THR A 58 17.44 -5.18 19.84
N GLY A 59 16.69 -4.26 20.45
CA GLY A 59 15.98 -4.54 21.68
C GLY A 59 14.55 -4.97 21.45
N THR A 60 13.81 -5.23 22.55
CA THR A 60 12.39 -5.60 22.52
C THR A 60 11.62 -4.46 21.81
N PRO A 61 10.82 -4.76 20.76
CA PRO A 61 10.10 -3.68 20.08
C PRO A 61 9.05 -3.03 20.95
N LYS A 62 8.79 -1.72 20.72
CA LYS A 62 7.75 -0.97 21.41
C LYS A 62 6.41 -1.28 20.75
N ALA A 63 6.44 -1.62 19.44
CA ALA A 63 5.22 -1.86 18.67
C ALA A 63 5.59 -2.47 17.35
N LEU A 64 4.59 -2.92 16.60
CA LEU A 64 4.77 -3.46 15.25
C LEU A 64 4.16 -2.51 14.24
N ILE A 65 4.69 -2.48 13.02
CA ILE A 65 4.07 -1.62 12.01
C ILE A 65 4.21 -2.31 10.66
N PHE A 66 3.06 -2.51 9.99
CA PHE A 66 3.01 -3.09 8.66
C PHE A 66 3.01 -1.98 7.63
N VAL A 67 3.90 -2.10 6.61
CA VAL A 67 3.98 -1.15 5.52
C VAL A 67 3.33 -1.77 4.30
N SER A 68 2.34 -1.04 3.76
CA SER A 68 1.51 -1.42 2.63
C SER A 68 1.80 -0.58 1.39
N HIS A 69 2.49 -1.20 0.40
CA HIS A 69 2.87 -0.48 -0.81
C HIS A 69 1.71 -0.28 -1.77
N GLY A 70 1.93 0.52 -2.81
CA GLY A 70 0.91 0.83 -3.80
C GLY A 70 0.97 0.03 -5.09
N ALA A 71 0.09 0.40 -6.05
CA ALA A 71 -0.10 -0.31 -7.30
C ALA A 71 1.16 -0.26 -8.15
N GLY A 72 1.50 -1.41 -8.72
CA GLY A 72 2.66 -1.54 -9.59
C GLY A 72 4.01 -1.50 -8.93
N GLU A 73 4.10 -1.14 -7.65
CA GLU A 73 5.41 -1.03 -7.00
C GLU A 73 5.61 -2.20 -6.03
N HIS A 74 6.47 -2.01 -5.02
CA HIS A 74 6.81 -3.12 -4.14
C HIS A 74 7.38 -2.60 -2.84
N SER A 75 7.59 -3.51 -1.88
CA SER A 75 8.05 -3.14 -0.53
C SER A 75 9.48 -2.59 -0.44
N GLY A 76 10.32 -2.91 -1.39
CA GLY A 76 11.70 -2.43 -1.36
C GLY A 76 11.82 -0.92 -1.44
N ARG A 77 10.77 -0.26 -1.96
CA ARG A 77 10.74 1.21 -2.06
C ARG A 77 10.52 1.92 -0.72
N TYR A 78 10.34 1.14 0.35
CA TYR A 78 10.07 1.68 1.69
C TYR A 78 11.25 1.51 2.61
N GLU A 79 12.41 1.20 2.04
CA GLU A 79 13.62 1.00 2.83
C GLU A 79 13.91 2.13 3.82
N GLU A 80 13.96 3.38 3.34
CA GLU A 80 14.33 4.49 4.19
C GLU A 80 13.27 4.78 5.26
N LEU A 81 11.98 4.74 4.89
CA LEU A 81 10.95 4.94 5.89
C LEU A 81 11.03 3.85 6.95
N ALA A 82 11.23 2.58 6.52
CA ALA A 82 11.29 1.46 7.45
C ALA A 82 12.45 1.58 8.39
N ARG A 83 13.61 2.01 7.89
CA ARG A 83 14.78 2.16 8.76
C ARG A 83 14.57 3.27 9.79
N MET A 84 13.86 4.34 9.41
CA MET A 84 13.53 5.44 10.35
C MET A 84 12.63 4.86 11.45
N LEU A 85 11.62 4.07 11.05
CA LEU A 85 10.68 3.50 12.01
C LEU A 85 11.35 2.50 12.95
N MET A 86 12.26 1.67 12.39
CA MET A 86 13.03 0.71 13.17
CA MET A 86 13.03 0.71 13.17
C MET A 86 13.88 1.48 14.20
N GLY A 87 14.38 2.66 13.81
CA GLY A 87 15.16 3.54 14.68
C GLY A 87 14.38 4.04 15.89
N LEU A 88 13.03 3.98 15.82
CA LEU A 88 12.12 4.37 16.90
C LEU A 88 11.76 3.18 17.78
N ASP A 89 12.43 2.01 17.54
CA ASP A 89 12.26 0.74 18.24
C ASP A 89 10.96 0.03 17.86
N LEU A 90 10.44 0.32 16.66
CA LEU A 90 9.31 -0.43 16.14
C LEU A 90 9.85 -1.56 15.28
N LEU A 91 9.14 -2.68 15.24
CA LEU A 91 9.53 -3.76 14.34
C LEU A 91 8.66 -3.54 13.11
N VAL A 92 9.30 -3.26 11.96
CA VAL A 92 8.59 -2.95 10.72
C VAL A 92 8.56 -4.23 9.90
N PHE A 93 7.44 -4.48 9.25
CA PHE A 93 7.28 -5.66 8.41
C PHE A 93 6.43 -5.31 7.23
N ALA A 94 6.62 -6.04 6.11
CA ALA A 94 5.89 -5.76 4.89
C ALA A 94 5.89 -7.03 4.07
N HIS A 95 5.09 -7.03 3.01
CA HIS A 95 5.20 -8.03 1.99
C HIS A 95 4.81 -7.37 0.68
N ASP A 96 5.23 -7.99 -0.43
CA ASP A 96 4.79 -7.50 -1.73
C ASP A 96 3.39 -8.09 -1.93
N HIS A 97 2.43 -7.22 -2.27
CA HIS A 97 1.08 -7.70 -2.50
C HIS A 97 1.06 -8.72 -3.66
N VAL A 98 0.04 -9.58 -3.71
CA VAL A 98 -0.07 -10.54 -4.81
CA VAL A 98 -0.16 -10.53 -4.80
C VAL A 98 -0.01 -9.77 -6.15
N GLY A 99 0.67 -10.36 -7.13
CA GLY A 99 0.80 -9.71 -8.43
C GLY A 99 1.80 -8.58 -8.47
N HIS A 100 2.59 -8.41 -7.39
CA HIS A 100 3.57 -7.33 -7.31
C HIS A 100 4.92 -7.83 -6.89
N GLY A 101 5.95 -7.09 -7.29
CA GLY A 101 7.31 -7.28 -6.84
C GLY A 101 7.78 -8.73 -6.94
N GLN A 102 8.22 -9.27 -5.79
CA GLN A 102 8.77 -10.62 -5.71
C GLN A 102 7.77 -11.65 -5.27
N SER A 103 6.48 -11.25 -5.14
CA SER A 103 5.42 -12.20 -4.82
C SER A 103 4.89 -12.84 -6.07
N GLU A 104 4.18 -13.97 -5.89
CA GLU A 104 3.57 -14.68 -6.99
C GLU A 104 2.31 -13.94 -7.48
N GLY A 105 1.82 -14.41 -8.63
CA GLY A 105 0.59 -13.91 -9.24
C GLY A 105 0.83 -13.19 -10.55
N GLU A 106 -0.14 -13.25 -11.47
CA GLU A 106 -0.06 -12.51 -12.72
C GLU A 106 0.07 -11.03 -12.34
N ARG A 107 0.95 -10.29 -13.02
CA ARG A 107 1.22 -8.90 -12.68
C ARG A 107 -0.02 -8.05 -12.72
N MET A 108 -0.30 -7.35 -11.60
CA MET A 108 -1.42 -6.41 -11.50
C MET A 108 -2.74 -6.99 -11.83
N VAL A 109 -3.01 -8.15 -11.27
N VAL A 109 -3.00 -8.17 -11.28
CA VAL A 109 -4.30 -8.79 -11.35
CA VAL A 109 -4.25 -8.91 -11.38
C VAL A 109 -4.61 -9.22 -9.93
C VAL A 109 -4.60 -9.29 -9.94
N VAL A 110 -5.89 -9.19 -9.57
CA VAL A 110 -6.33 -9.61 -8.26
C VAL A 110 -7.75 -10.08 -8.44
N SER A 111 -8.08 -11.26 -7.90
CA SER A 111 -9.42 -11.83 -8.08
C SER A 111 -10.48 -10.90 -7.50
N ASP A 112 -10.18 -10.34 -6.34
CA ASP A 112 -11.01 -9.33 -5.70
C ASP A 112 -10.08 -8.49 -4.86
N PHE A 113 -10.33 -7.17 -4.75
CA PHE A 113 -9.47 -6.28 -3.97
C PHE A 113 -9.28 -6.76 -2.51
N HIS A 114 -10.31 -7.46 -1.94
CA HIS A 114 -10.21 -7.96 -0.56
C HIS A 114 -9.04 -8.92 -0.34
N VAL A 115 -8.55 -9.60 -1.40
CA VAL A 115 -7.38 -10.48 -1.27
C VAL A 115 -6.21 -9.71 -0.62
N PHE A 116 -6.00 -8.45 -1.03
CA PHE A 116 -4.90 -7.65 -0.45
C PHE A 116 -5.11 -7.45 1.04
N VAL A 117 -6.36 -7.17 1.45
CA VAL A 117 -6.72 -6.95 2.86
C VAL A 117 -6.55 -8.24 3.66
N ARG A 118 -7.10 -9.35 3.13
CA ARG A 118 -6.98 -10.66 3.75
C ARG A 118 -5.49 -10.99 3.99
N ASP A 119 -4.64 -10.71 2.98
CA ASP A 119 -3.24 -11.08 3.15
C ASP A 119 -2.51 -10.21 4.16
N VAL A 120 -2.85 -8.91 4.23
CA VAL A 120 -2.25 -8.05 5.25
C VAL A 120 -2.64 -8.63 6.62
N LEU A 121 -3.93 -8.98 6.80
CA LEU A 121 -4.39 -9.52 8.08
C LEU A 121 -3.72 -10.84 8.45
N GLN A 122 -3.45 -11.70 7.45
CA GLN A 122 -2.76 -12.94 7.78
C GLN A 122 -1.36 -12.59 8.29
N HIS A 123 -0.67 -11.66 7.62
CA HIS A 123 0.70 -11.33 8.05
C HIS A 123 0.69 -10.69 9.44
N VAL A 124 -0.24 -9.74 9.69
CA VAL A 124 -0.38 -9.09 10.98
C VAL A 124 -0.65 -10.19 12.04
N ASP A 125 -1.59 -11.11 11.77
CA ASP A 125 -1.92 -12.16 12.74
C ASP A 125 -0.72 -13.05 13.06
N SER A 126 0.09 -13.36 12.02
CA SER A 126 1.28 -14.18 12.19
CA SER A 126 1.26 -14.18 12.22
C SER A 126 2.29 -13.47 13.08
N MET A 127 2.52 -12.18 12.82
CA MET A 127 3.48 -11.42 13.61
C MET A 127 3.03 -11.24 15.05
N GLN A 128 1.73 -11.05 15.25
CA GLN A 128 1.18 -10.86 16.61
C GLN A 128 1.34 -12.13 17.45
N LYS A 129 1.36 -13.31 16.80
CA LYS A 129 1.61 -14.59 17.47
C LYS A 129 3.03 -14.59 18.04
N ASP A 130 4.00 -14.10 17.27
CA ASP A 130 5.40 -14.03 17.68
C ASP A 130 5.67 -12.89 18.68
N TYR A 131 4.85 -11.81 18.65
CA TYR A 131 5.01 -10.65 19.53
C TYR A 131 3.67 -10.33 20.18
N PRO A 132 3.19 -11.17 21.13
CA PRO A 132 1.88 -10.92 21.71
C PRO A 132 1.87 -9.67 22.58
N GLY A 133 0.72 -9.05 22.68
CA GLY A 133 0.52 -7.85 23.49
C GLY A 133 1.12 -6.57 22.95
N LEU A 134 1.83 -6.61 21.79
CA LEU A 134 2.41 -5.39 21.23
C LEU A 134 1.38 -4.65 20.40
N PRO A 135 1.32 -3.31 20.51
CA PRO A 135 0.41 -2.55 19.63
C PRO A 135 0.86 -2.70 18.17
N VAL A 136 -0.09 -2.64 17.24
CA VAL A 136 0.19 -2.77 15.80
CA VAL A 136 0.19 -2.77 15.80
C VAL A 136 -0.32 -1.56 15.04
N PHE A 137 0.56 -0.94 14.23
CA PHE A 137 0.20 0.20 13.40
C PHE A 137 0.22 -0.27 11.93
N LEU A 138 -0.35 0.56 11.07
CA LEU A 138 -0.35 0.39 9.63
C LEU A 138 0.21 1.62 9.00
N LEU A 139 0.96 1.44 7.92
CA LEU A 139 1.42 2.58 7.14
C LEU A 139 1.08 2.19 5.72
N GLY A 140 0.36 3.03 5.00
CA GLY A 140 0.02 2.74 3.61
C GLY A 140 0.13 3.95 2.72
N HIS A 141 0.57 3.73 1.47
CA HIS A 141 0.63 4.80 0.48
C HIS A 141 -0.21 4.43 -0.71
N SER A 142 -1.01 5.39 -1.22
CA SER A 142 -1.73 5.24 -2.48
C SER A 142 -2.70 4.03 -2.45
N MET A 143 -2.60 3.07 -3.39
CA MET A 143 -3.47 1.88 -3.26
C MET A 143 -3.23 1.19 -1.91
N GLY A 144 -1.98 1.23 -1.45
CA GLY A 144 -1.61 0.65 -0.16
C GLY A 144 -2.33 1.32 1.00
N GLY A 145 -2.65 2.60 0.83
CA GLY A 145 -3.42 3.36 1.82
C GLY A 145 -4.88 2.94 1.85
N ALA A 146 -5.47 2.65 0.66
CA ALA A 146 -6.84 2.10 0.57
C ALA A 146 -6.85 0.72 1.26
N ILE A 147 -5.80 -0.10 1.04
CA ILE A 147 -5.71 -1.40 1.73
C ILE A 147 -5.63 -1.19 3.24
N ALA A 148 -4.81 -0.23 3.70
CA ALA A 148 -4.69 0.02 5.16
C ALA A 148 -6.04 0.45 5.74
N ILE A 149 -6.77 1.36 5.07
CA ILE A 149 -8.10 1.81 5.54
C ILE A 149 -9.07 0.62 5.63
N LEU A 150 -9.15 -0.22 4.58
CA LEU A 150 -10.08 -1.35 4.61
C LEU A 150 -9.66 -2.35 5.68
N THR A 151 -8.34 -2.50 5.93
CA THR A 151 -7.83 -3.42 6.98
C THR A 151 -8.27 -2.93 8.37
N ALA A 152 -8.04 -1.65 8.67
CA ALA A 152 -8.47 -1.10 9.97
C ALA A 152 -9.99 -1.12 10.13
N ALA A 153 -10.73 -0.88 9.04
CA ALA A 153 -12.21 -0.86 9.13
C ALA A 153 -12.77 -2.26 9.39
N GLU A 154 -12.09 -3.29 8.89
CA GLU A 154 -12.50 -4.68 9.10
C GLU A 154 -12.31 -5.08 10.58
N ARG A 155 -11.29 -4.51 11.25
CA ARG A 155 -11.00 -4.85 12.64
C ARG A 155 -11.02 -3.61 13.54
N PRO A 156 -12.19 -2.99 13.81
CA PRO A 156 -12.20 -1.79 14.66
C PRO A 156 -11.66 -2.10 16.06
N GLY A 157 -10.83 -1.19 16.56
CA GLY A 157 -10.19 -1.30 17.86
C GLY A 157 -8.93 -2.13 17.91
N HIS A 158 -8.58 -2.82 16.80
CA HIS A 158 -7.42 -3.71 16.78
C HIS A 158 -6.09 -2.99 16.56
N PHE A 159 -6.10 -1.95 15.72
CA PHE A 159 -4.87 -1.26 15.36
C PHE A 159 -4.70 0.00 16.21
N ALA A 160 -3.46 0.29 16.59
CA ALA A 160 -3.12 1.45 17.41
C ALA A 160 -3.13 2.74 16.64
N GLY A 161 -2.88 2.68 15.33
CA GLY A 161 -2.80 3.87 14.51
C GLY A 161 -2.52 3.48 13.07
N MET A 162 -2.75 4.46 12.21
CA MET A 162 -2.54 4.31 10.78
CA MET A 162 -2.53 4.34 10.76
C MET A 162 -1.88 5.59 10.25
N VAL A 163 -0.86 5.43 9.41
CA VAL A 163 -0.16 6.54 8.75
C VAL A 163 -0.48 6.37 7.29
N LEU A 164 -1.12 7.40 6.68
CA LEU A 164 -1.56 7.36 5.29
C LEU A 164 -0.86 8.40 4.47
N ILE A 165 -0.14 7.97 3.46
CA ILE A 165 0.57 8.87 2.55
C ILE A 165 -0.19 8.86 1.25
N SER A 166 -0.90 9.98 0.92
CA SER A 166 -1.71 10.14 -0.30
CA SER A 166 -1.69 10.13 -0.32
C SER A 166 -2.49 8.85 -0.60
N PRO A 167 -3.35 8.41 0.35
CA PRO A 167 -4.10 7.19 0.12
C PRO A 167 -5.11 7.31 -1.00
N LEU A 168 -5.43 6.17 -1.62
CA LEU A 168 -6.44 6.16 -2.67
C LEU A 168 -7.80 6.17 -1.97
N VAL A 169 -8.44 7.36 -1.91
CA VAL A 169 -9.76 7.55 -1.32
C VAL A 169 -10.67 7.97 -2.47
N LEU A 170 -10.26 9.03 -3.21
CA LEU A 170 -10.96 9.46 -4.41
C LEU A 170 -9.95 9.50 -5.54
N ALA A 171 -10.30 8.89 -6.67
CA ALA A 171 -9.43 8.90 -7.84
C ALA A 171 -9.50 10.29 -8.49
N ASN A 172 -8.50 10.63 -9.32
CA ASN A 172 -8.54 11.85 -10.11
C ASN A 172 -9.86 11.74 -10.91
N PRO A 173 -10.72 12.77 -10.91
CA PRO A 173 -12.03 12.66 -11.60
C PRO A 173 -11.99 12.17 -13.05
N GLU A 174 -10.96 12.56 -13.83
CA GLU A 174 -10.81 12.14 -15.22
C GLU A 174 -10.54 10.64 -15.32
N SER A 175 -9.69 10.11 -14.40
CA SER A 175 -9.37 8.68 -14.36
CA SER A 175 -9.34 8.69 -14.33
C SER A 175 -10.56 7.84 -13.91
N ALA A 176 -11.42 8.40 -13.02
CA ALA A 176 -12.62 7.71 -12.55
C ALA A 176 -13.57 7.49 -13.74
N THR A 177 -13.76 8.53 -14.59
CA THR A 177 -14.61 8.47 -15.77
C THR A 177 -14.10 7.43 -16.77
N THR A 178 -12.78 7.45 -17.05
CA THR A 178 -12.09 6.53 -17.96
C THR A 178 -12.32 5.05 -17.57
N PHE A 179 -12.15 4.71 -16.28
CA PHE A 179 -12.32 3.34 -15.82
C PHE A 179 -13.80 2.94 -15.65
N LYS A 180 -14.71 3.89 -15.35
CA LYS A 180 -16.15 3.57 -15.24
C LYS A 180 -16.70 3.17 -16.61
N VAL A 181 -16.19 3.81 -17.67
CA VAL A 181 -16.58 3.52 -19.06
C VAL A 181 -15.99 2.16 -19.46
N LEU A 182 -14.67 1.97 -19.23
CA LEU A 182 -13.93 0.74 -19.53
C LEU A 182 -14.53 -0.48 -18.82
N ALA A 183 -14.97 -0.32 -17.55
CA ALA A 183 -15.59 -1.37 -16.73
C ALA A 183 -16.93 -1.81 -17.31
N ALA A 184 -17.78 -0.83 -17.68
CA ALA A 184 -19.10 -1.05 -18.26
C ALA A 184 -19.04 -1.74 -19.64
N LYS A 185 -17.90 -1.58 -20.38
CA LYS A 185 -17.68 -2.23 -21.68
C LYS A 185 -17.45 -3.74 -21.48
N VAL A 186 -16.52 -4.11 -20.59
CA VAL A 186 -16.21 -5.52 -20.32
C VAL A 186 -17.27 -6.21 -19.44
N LEU A 187 -18.20 -5.43 -18.82
CA LEU A 187 -19.32 -5.96 -18.03
C LEU A 187 -20.24 -6.67 -19.02
N ASN A 188 -20.38 -6.06 -20.20
CA ASN A 188 -21.23 -6.48 -21.30
C ASN A 188 -20.54 -7.43 -22.30
N SER A 189 -19.23 -7.27 -22.54
CA SER A 189 -18.49 -8.07 -23.52
C SER A 189 -17.27 -8.83 -22.96
N VAL A 190 -16.59 -9.66 -23.76
CA VAL A 190 -15.42 -10.43 -23.31
C VAL A 190 -14.18 -9.82 -23.95
N LEU A 191 -13.36 -9.06 -23.20
CA LEU A 191 -12.16 -8.40 -23.71
C LEU A 191 -10.99 -8.58 -22.73
N PRO A 192 -10.34 -9.76 -22.72
CA PRO A 192 -9.28 -10.02 -21.72
C PRO A 192 -8.01 -9.18 -21.83
N ASN A 193 -7.71 -8.61 -23.00
CA ASN A 193 -6.50 -7.81 -23.17
C ASN A 193 -6.70 -6.31 -22.91
N LEU A 194 -7.97 -5.85 -22.78
CA LEU A 194 -8.31 -4.44 -22.62
C LEU A 194 -7.59 -3.80 -21.45
N SER A 195 -6.90 -2.69 -21.76
CA SER A 195 -6.13 -1.96 -20.76
C SER A 195 -6.18 -0.48 -21.05
N SER A 196 -5.92 0.32 -20.01
CA SER A 196 -5.81 1.76 -20.16
C SER A 196 -4.32 2.03 -20.47
N GLY A 197 -3.95 3.29 -20.51
CA GLY A 197 -2.56 3.64 -20.75
C GLY A 197 -1.77 3.51 -19.44
N PRO A 198 -0.43 3.56 -19.48
N PRO A 198 -0.43 3.56 -19.48
CA PRO A 198 0.35 3.46 -18.22
CA PRO A 198 0.35 3.46 -18.22
C PRO A 198 0.23 4.73 -17.38
C PRO A 198 0.23 4.73 -17.38
N ILE A 199 0.58 4.62 -16.09
CA ILE A 199 0.58 5.77 -15.15
C ILE A 199 1.70 6.72 -15.61
N ASP A 200 1.37 8.02 -15.85
CA ASP A 200 2.32 9.04 -16.33
C ASP A 200 3.35 9.29 -15.21
N SER A 201 4.61 8.82 -15.39
CA SER A 201 5.64 8.93 -14.35
CA SER A 201 5.67 8.94 -14.38
C SER A 201 5.96 10.37 -13.94
N SER A 202 5.79 11.34 -14.84
CA SER A 202 6.09 12.75 -14.54
C SER A 202 5.24 13.34 -13.41
N VAL A 203 4.04 12.77 -13.16
CA VAL A 203 3.14 13.29 -12.12
C VAL A 203 3.44 12.67 -10.77
N LEU A 204 4.39 11.73 -10.73
CA LEU A 204 4.69 11.07 -9.45
C LEU A 204 5.31 11.98 -8.41
N SER A 205 6.26 12.81 -8.84
CA SER A 205 7.04 13.60 -7.92
C SER A 205 7.70 14.70 -8.67
N ARG A 206 7.90 15.84 -7.99
CA ARG A 206 8.62 16.95 -8.62
C ARG A 206 10.13 16.64 -8.61
N ASN A 207 10.53 15.64 -7.79
CA ASN A 207 11.92 15.18 -7.70
C ASN A 207 12.19 14.30 -8.93
N LYS A 208 12.84 14.87 -9.93
CA LYS A 208 13.12 14.13 -11.15
C LYS A 208 13.97 12.89 -10.95
N THR A 209 14.88 12.90 -9.94
CA THR A 209 15.71 11.71 -9.70
C THR A 209 14.80 10.54 -9.31
N GLU A 210 13.78 10.84 -8.48
CA GLU A 210 12.85 9.79 -8.05
C GLU A 210 11.98 9.27 -9.20
N VAL A 211 11.60 10.17 -10.12
CA VAL A 211 10.86 9.77 -11.34
C VAL A 211 11.75 8.77 -12.17
N ASP A 212 13.02 9.15 -12.30
CA ASP A 212 14.00 8.33 -13.04
C ASP A 212 14.24 6.96 -12.37
N ILE A 213 14.29 6.94 -11.04
CA ILE A 213 14.47 5.70 -10.27
C ILE A 213 13.26 4.79 -10.50
N TYR A 214 12.04 5.38 -10.42
CA TYR A 214 10.81 4.61 -10.66
C TYR A 214 10.86 3.98 -12.05
N ASN A 215 11.32 4.75 -13.06
CA ASN A 215 11.40 4.26 -14.43
C ASN A 215 12.51 3.25 -14.67
N SER A 216 13.42 3.07 -13.70
CA SER A 216 14.58 2.16 -13.86
C SER A 216 14.43 0.86 -13.07
N ASP A 217 13.51 0.83 -12.10
CA ASP A 217 13.35 -0.32 -11.21
C ASP A 217 12.69 -1.49 -11.95
N PRO A 218 13.41 -2.62 -12.15
CA PRO A 218 12.78 -3.74 -12.87
C PRO A 218 11.64 -4.41 -12.12
N LEU A 219 11.50 -4.15 -10.80
CA LEU A 219 10.42 -4.76 -10.00
C LEU A 219 9.12 -4.01 -10.12
N ILE A 220 9.16 -2.82 -10.74
CA ILE A 220 7.97 -2.01 -10.93
C ILE A 220 7.30 -2.36 -12.23
N CYS A 221 5.98 -2.53 -12.17
CA CYS A 221 5.19 -2.77 -13.35
C CYS A 221 4.71 -1.44 -13.87
N ARG A 222 5.21 -1.07 -15.05
CA ARG A 222 4.86 0.20 -15.69
C ARG A 222 3.99 -0.03 -16.94
N ALA A 223 3.32 -1.19 -17.01
CA ALA A 223 2.41 -1.48 -18.11
C ALA A 223 1.09 -0.72 -17.89
N GLY A 224 0.26 -0.65 -18.93
CA GLY A 224 -1.07 -0.05 -18.79
C GLY A 224 -1.88 -0.83 -17.78
N LEU A 225 -2.81 -0.16 -17.11
CA LEU A 225 -3.65 -0.83 -16.12
C LEU A 225 -4.69 -1.65 -16.84
N LYS A 226 -4.75 -2.97 -16.55
CA LYS A 226 -5.74 -3.87 -17.16
C LYS A 226 -7.13 -3.47 -16.64
N VAL A 227 -8.19 -3.64 -17.45
CA VAL A 227 -9.55 -3.25 -17.03
C VAL A 227 -10.00 -4.01 -15.78
N CYS A 228 -9.69 -5.33 -15.68
CA CYS A 228 -10.08 -6.12 -14.51
CA CYS A 228 -10.04 -6.14 -14.51
C CYS A 228 -9.48 -5.53 -13.22
N PHE A 229 -8.23 -5.03 -13.29
CA PHE A 229 -7.57 -4.41 -12.15
C PHE A 229 -8.20 -3.03 -11.88
N GLY A 230 -8.51 -2.27 -12.93
CA GLY A 230 -9.19 -0.99 -12.83
C GLY A 230 -10.52 -1.13 -12.10
N ILE A 231 -11.26 -2.24 -12.40
CA ILE A 231 -12.54 -2.60 -11.75
C ILE A 231 -12.31 -2.83 -10.26
N GLN A 232 -11.21 -3.52 -9.90
CA GLN A 232 -10.89 -3.72 -8.49
C GLN A 232 -10.52 -2.42 -7.79
N LEU A 233 -9.92 -1.47 -8.51
CA LEU A 233 -9.62 -0.16 -7.93
C LEU A 233 -10.92 0.63 -7.73
N LEU A 234 -11.88 0.46 -8.66
CA LEU A 234 -13.19 1.09 -8.53
C LEU A 234 -13.89 0.51 -7.31
N ASN A 235 -13.72 -0.82 -7.08
CA ASN A 235 -14.25 -1.51 -5.91
C ASN A 235 -13.59 -0.99 -4.66
N ALA A 236 -12.26 -0.80 -4.70
CA ALA A 236 -11.53 -0.24 -3.56
C ALA A 236 -12.08 1.15 -3.17
N VAL A 237 -12.25 2.06 -4.16
CA VAL A 237 -12.78 3.41 -3.89
C VAL A 237 -14.21 3.36 -3.25
N SER A 238 -15.08 2.49 -3.81
CA SER A 238 -16.45 2.32 -3.31
CA SER A 238 -16.46 2.30 -3.32
C SER A 238 -16.44 1.78 -1.87
N ARG A 239 -15.59 0.76 -1.61
CA ARG A 239 -15.47 0.15 -0.29
C ARG A 239 -14.87 1.10 0.73
N VAL A 240 -13.86 1.90 0.34
CA VAL A 240 -13.27 2.89 1.24
C VAL A 240 -14.37 3.92 1.66
N GLU A 241 -15.18 4.41 0.71
CA GLU A 241 -16.27 5.38 0.99
C GLU A 241 -17.23 4.80 2.03
N ARG A 242 -17.62 3.52 1.87
CA ARG A 242 -18.51 2.88 2.83
C ARG A 242 -17.83 2.63 4.18
N ALA A 243 -16.51 2.42 4.19
CA ALA A 243 -15.76 2.16 5.42
C ALA A 243 -15.55 3.39 6.29
N LEU A 244 -15.43 4.57 5.68
CA LEU A 244 -15.10 5.82 6.41
C LEU A 244 -15.91 6.04 7.72
N PRO A 245 -17.26 5.93 7.78
CA PRO A 245 -17.94 6.10 9.09
C PRO A 245 -17.73 4.95 10.09
N LYS A 246 -17.01 3.90 9.72
CA LYS A 246 -16.68 2.76 10.58
C LYS A 246 -15.25 2.94 11.10
N LEU A 247 -14.50 3.91 10.50
CA LEU A 247 -13.12 4.11 10.88
C LEU A 247 -13.08 4.86 12.20
N THR A 248 -12.43 4.25 13.19
CA THR A 248 -12.23 4.88 14.49
C THR A 248 -10.76 4.91 14.83
N VAL A 249 -9.93 4.23 14.04
CA VAL A 249 -8.50 4.13 14.34
C VAL A 249 -7.83 5.51 14.34
N PRO A 250 -6.85 5.79 15.23
CA PRO A 250 -6.10 7.06 15.09
C PRO A 250 -5.35 7.11 13.76
N PHE A 251 -5.30 8.29 13.08
CA PHE A 251 -4.52 8.31 11.85
C PHE A 251 -3.88 9.67 11.61
N LEU A 252 -2.76 9.61 10.87
CA LEU A 252 -2.06 10.78 10.33
C LEU A 252 -2.23 10.65 8.82
N LEU A 253 -2.68 11.72 8.19
CA LEU A 253 -2.93 11.76 6.77
C LEU A 253 -2.07 12.84 6.14
N LEU A 254 -1.25 12.45 5.16
CA LEU A 254 -0.32 13.36 4.47
C LEU A 254 -0.74 13.41 3.02
N GLN A 255 -0.93 14.62 2.46
CA GLN A 255 -1.46 14.73 1.11
C GLN A 255 -0.87 15.96 0.41
N GLY A 256 -0.47 15.77 -0.86
CA GLY A 256 0.04 16.85 -1.70
C GLY A 256 -1.12 17.56 -2.36
N SER A 257 -1.04 18.91 -2.50
CA SER A 257 -2.17 19.63 -3.08
C SER A 257 -2.23 19.48 -4.59
N ALA A 258 -1.13 19.04 -5.25
CA ALA A 258 -1.08 18.94 -6.72
C ALA A 258 -1.01 17.48 -7.16
N ASP A 259 -1.67 16.61 -6.41
CA ASP A 259 -1.67 15.18 -6.67
C ASP A 259 -2.66 14.84 -7.79
N ARG A 260 -2.13 14.34 -8.91
CA ARG A 260 -2.95 14.00 -10.07
C ARG A 260 -3.40 12.55 -10.06
N LEU A 261 -2.99 11.78 -9.03
CA LEU A 261 -3.30 10.34 -8.94
C LEU A 261 -4.31 10.02 -7.86
N CYS A 262 -4.15 10.60 -6.68
CA CYS A 262 -5.13 10.44 -5.60
C CYS A 262 -5.55 11.84 -5.28
N ASP A 263 -6.76 12.20 -5.72
CA ASP A 263 -7.26 13.54 -5.60
C ASP A 263 -7.28 14.05 -4.16
N SER A 264 -6.73 15.26 -3.93
CA SER A 264 -6.68 15.82 -2.59
C SER A 264 -8.07 15.92 -1.94
N LYS A 265 -9.14 15.99 -2.76
CA LYS A 265 -10.53 16.00 -2.25
C LYS A 265 -10.77 14.73 -1.37
N GLY A 266 -10.12 13.62 -1.72
CA GLY A 266 -10.26 12.39 -0.96
C GLY A 266 -9.72 12.51 0.44
N ALA A 267 -8.60 13.25 0.61
CA ALA A 267 -8.00 13.43 1.92
C ALA A 267 -8.95 14.28 2.79
N TYR A 268 -9.58 15.31 2.21
CA TYR A 268 -10.53 16.13 2.98
C TYR A 268 -11.77 15.29 3.32
N LEU A 269 -12.22 14.41 2.41
CA LEU A 269 -13.39 13.55 2.64
C LEU A 269 -13.09 12.58 3.80
N LEU A 270 -11.88 12.01 3.83
CA LEU A 270 -11.47 11.10 4.88
C LEU A 270 -11.45 11.84 6.24
N MET A 271 -10.92 13.08 6.29
CA MET A 271 -10.93 13.86 7.54
C MET A 271 -12.32 14.16 7.96
N GLU A 272 -13.23 14.36 7.02
CA GLU A 272 -14.58 14.71 7.39
C GLU A 272 -15.43 13.52 7.84
N LEU A 273 -15.34 12.40 7.12
CA LEU A 273 -16.25 11.29 7.37
C LEU A 273 -15.77 10.24 8.35
N ALA A 274 -14.44 10.10 8.56
CA ALA A 274 -13.95 9.14 9.55
C ALA A 274 -14.46 9.54 10.95
N LYS A 275 -14.78 8.55 11.80
CA LYS A 275 -15.25 8.84 13.14
C LYS A 275 -14.11 8.94 14.15
N SER A 276 -12.88 8.63 13.70
CA SER A 276 -11.69 8.66 14.55
C SER A 276 -11.60 9.90 15.42
N GLN A 277 -11.40 9.69 16.72
CA GLN A 277 -11.20 10.82 17.66
C GLN A 277 -9.82 11.46 17.52
N ASP A 278 -8.87 10.73 16.89
CA ASP A 278 -7.51 11.23 16.74
C ASP A 278 -7.16 11.22 15.25
N LYS A 279 -7.41 12.34 14.56
CA LYS A 279 -7.17 12.45 13.11
C LYS A 279 -6.50 13.76 12.80
N THR A 280 -5.41 13.68 11.99
CA THR A 280 -4.62 14.86 11.66
C THR A 280 -4.35 14.83 10.16
N LEU A 281 -4.49 15.98 9.49
CA LEU A 281 -4.19 16.17 8.07
C LEU A 281 -3.05 17.17 7.90
N LYS A 282 -2.06 16.82 7.07
CA LYS A 282 -1.03 17.79 6.71
C LYS A 282 -1.03 17.85 5.22
N ILE A 283 -1.22 19.05 4.66
CA ILE A 283 -1.20 19.29 3.22
C ILE A 283 0.16 19.87 2.86
N TYR A 284 0.75 19.36 1.75
CA TYR A 284 2.03 19.83 1.21
C TYR A 284 1.70 20.60 -0.07
N GLU A 285 1.76 21.94 0.04
CA GLU A 285 1.34 22.82 -1.01
C GLU A 285 2.23 22.67 -2.24
N GLY A 286 1.61 22.32 -3.35
CA GLY A 286 2.31 22.13 -4.62
C GLY A 286 2.95 20.75 -4.82
N ALA A 287 2.93 19.90 -3.79
CA ALA A 287 3.56 18.57 -3.90
C ALA A 287 2.75 17.61 -4.73
N TYR A 288 3.45 16.69 -5.38
CA TYR A 288 2.79 15.69 -6.22
C TYR A 288 2.41 14.46 -5.38
N HIS A 289 2.32 13.28 -5.99
CA HIS A 289 1.79 12.10 -5.32
C HIS A 289 2.71 11.40 -4.32
N VAL A 290 3.95 11.10 -4.71
CA VAL A 290 4.79 10.25 -3.87
C VAL A 290 5.52 11.11 -2.88
N LEU A 291 4.83 11.44 -1.77
CA LEU A 291 5.36 12.42 -0.80
C LEU A 291 6.62 12.01 -0.12
N HIS A 292 6.83 10.69 0.10
CA HIS A 292 8.05 10.23 0.75
C HIS A 292 9.22 10.14 -0.25
N LYS A 293 8.99 10.54 -1.50
CA LYS A 293 10.03 10.56 -2.55
C LYS A 293 9.87 11.86 -3.37
N GLU A 294 9.60 12.98 -2.67
CA GLU A 294 9.33 14.26 -3.30
C GLU A 294 10.56 15.13 -3.17
N LEU A 295 10.40 16.44 -3.33
CA LEU A 295 11.53 17.36 -3.15
C LEU A 295 12.04 17.17 -1.70
N PRO A 296 13.37 17.28 -1.46
CA PRO A 296 13.90 17.09 -0.09
C PRO A 296 13.17 17.84 1.01
N GLU A 297 12.71 19.09 0.76
CA GLU A 297 11.98 19.87 1.76
C GLU A 297 10.68 19.16 2.21
N VAL A 298 10.02 18.49 1.25
CA VAL A 298 8.78 17.76 1.51
C VAL A 298 9.12 16.42 2.16
N THR A 299 10.00 15.62 1.52
CA THR A 299 10.38 14.34 2.05
C THR A 299 10.90 14.43 3.47
N ASN A 300 11.78 15.41 3.76
CA ASN A 300 12.31 15.54 5.11
C ASN A 300 11.20 15.81 6.14
N SER A 301 10.22 16.62 5.76
CA SER A 301 9.07 16.93 6.62
C SER A 301 8.20 15.69 6.81
N VAL A 302 7.93 14.94 5.71
CA VAL A 302 7.12 13.72 5.78
C VAL A 302 7.75 12.75 6.78
N PHE A 303 9.07 12.52 6.67
CA PHE A 303 9.75 11.62 7.61
C PHE A 303 9.67 12.16 9.02
N HIS A 304 9.91 13.46 9.21
CA HIS A 304 9.85 14.02 10.55
C HIS A 304 8.45 13.91 11.17
N GLU A 305 7.41 14.18 10.38
CA GLU A 305 6.03 14.16 10.88
C GLU A 305 5.60 12.77 11.26
N ILE A 306 5.99 11.77 10.47
CA ILE A 306 5.67 10.39 10.81
C ILE A 306 6.42 9.99 12.06
N ASN A 307 7.69 10.38 12.16
CA ASN A 307 8.51 10.08 13.33
C ASN A 307 7.84 10.66 14.61
N MET A 308 7.47 11.95 14.59
CA MET A 308 6.81 12.57 15.75
C MET A 308 5.47 11.90 16.09
N TRP A 309 4.66 11.64 15.06
CA TRP A 309 3.32 11.04 15.26
C TRP A 309 3.38 9.65 15.87
N VAL A 310 4.27 8.81 15.36
CA VAL A 310 4.45 7.46 15.87
C VAL A 310 5.12 7.48 17.26
N SER A 311 6.15 8.35 17.47
CA SER A 311 6.86 8.50 18.75
C SER A 311 5.88 8.93 19.85
N GLN A 312 4.92 9.82 19.53
CA GLN A 312 3.95 10.27 20.53
C GLN A 312 2.98 9.15 20.93
N ARG A 313 2.70 8.20 20.01
CA ARG A 313 1.73 7.15 20.21
C ARG A 313 2.35 5.79 20.55
N THR A 314 3.67 5.76 20.86
CA THR A 314 4.39 4.53 21.25
C THR A 314 5.14 4.74 22.55
N ALA A 315 5.28 6.01 23.00
CA ALA A 315 5.93 6.39 24.25
C ALA A 315 5.06 6.01 25.44
NA NA B . -3.99 -23.14 2.88
NA NA C . 5.35 -9.70 22.97
C7 A1IA3 D . -6.13 4.89 -10.48
C8 A1IA3 D . -6.96 5.26 -9.38
N2 A1IA3 D . -1.86 4.18 -7.53
C9 A1IA3 D . -8.30 4.90 -9.34
C1 A1IA3 D . -0.82 3.67 -6.78
C5 A1IA3 D . -4.01 5.23 -9.14
C6 A1IA3 D . -4.68 5.22 -10.52
C4 A1IA3 D . -2.57 5.66 -9.36
C3 A1IA3 D . -1.83 5.63 -8.02
C10 A1IA3 D . -8.82 4.20 -10.42
C11 A1IA3 D . -10.29 3.89 -10.45
F12 A1IA3 D . -10.60 2.78 -11.17
F13 A1IA3 D . -10.83 3.70 -9.23
F14 A1IA3 D . -11.01 4.88 -10.99
C15 A1IA3 D . -8.05 3.86 -11.53
C16 A1IA3 D . -6.69 4.18 -11.55
C17 A1IA3 D . -4.07 3.81 -8.51
C18 A1IA3 D . -3.22 3.70 -7.25
O19 A1IA3 D . -1.01 2.92 -5.79
N20 A1IA3 D . 0.48 4.05 -7.16
C21 A1IA3 D . 1.61 3.92 -6.22
C22 A1IA3 D . 2.51 5.17 -6.41
C23 A1IA3 D . 3.02 5.22 -7.91
C24 A1IA3 D . 1.89 5.12 -8.94
C25 A1IA3 D . 0.91 3.97 -8.59
O26 A1IA3 D . 3.93 4.15 -8.09
C27 A1IA3 D . 5.14 4.29 -7.38
C28 A1IA3 D . 4.95 4.93 -5.99
N29 A1IA3 D . 3.71 5.19 -5.56
O30 A1IA3 D . 5.91 5.05 -5.25
C1 EDO E . 14.70 -2.13 -3.36
O1 EDO E . 14.36 -3.34 -4.00
C2 EDO E . 14.19 -0.94 -4.20
O2 EDO E . 14.75 -1.02 -5.51
#